data_3PYD
#
_entry.id   3PYD
#
_cell.length_a   52.584
_cell.length_b   72.375
_cell.length_c   107.393
_cell.angle_alpha   90.00
_cell.angle_beta   90.00
_cell.angle_gamma   90.00
#
_symmetry.space_group_name_H-M   'P 21 21 21'
#
loop_
_entity.id
_entity.type
_entity.pdbx_description
1 polymer '4-diphosphocytidyl-2-C-methyl-D-erythritol kinase'
2 non-polymer GLYCEROL
3 water water
#
_entity_poly.entity_id   1
_entity_poly.type   'polypeptide(L)'
_entity_poly.pdbx_seq_one_letter_code
;MPTGSVTVRVPGKVNLYLAVGDRREDGYHELTTVFHAVSLVDEVTVRNADVLSLELVGEGADQLPTDERNLAWQAAELMA
EHVGRAPDVSIMIDKSIPVAGGMAGGSADAAAVLVAMNSLWELNVPRRDLRMLAARLGSDVPFALHGGTALGTGRGEELA
TVLSRNTFHWVLAFADSGLLTSAVYNELDRLREVGDPPRLGEPGPVLAALAAGDPDQLAPLLGNEMQAAAVSLDPALARA
LRAGVEAGALAGIVSGSGPTCAFLCTSASSAIDVGAQLSGAGVCRTVRVATGPVPGARVVSAPTEV
;
_entity_poly.pdbx_strand_id   A
#
# COMPACT_ATOMS: atom_id res chain seq x y z
N SER A 5 14.02 23.85 0.47
CA SER A 5 12.89 22.97 0.17
C SER A 5 13.35 21.55 -0.18
N VAL A 6 12.59 20.56 0.27
CA VAL A 6 12.90 19.16 -0.02
C VAL A 6 11.66 18.40 -0.47
N THR A 7 11.74 17.71 -1.61
CA THR A 7 10.62 16.84 -1.97
C THR A 7 10.97 15.36 -2.01
N VAL A 8 10.07 14.58 -1.46
CA VAL A 8 10.28 13.16 -1.30
C VAL A 8 9.18 12.43 -2.06
N ARG A 9 9.58 11.48 -2.90
CA ARG A 9 8.64 10.64 -3.62
C ARG A 9 8.45 9.33 -2.86
N VAL A 10 7.20 8.87 -2.75
CA VAL A 10 6.85 7.70 -1.95
C VAL A 10 5.68 6.90 -2.57
N PRO A 11 5.81 5.57 -2.63
CA PRO A 11 4.80 4.76 -3.34
C PRO A 11 3.69 4.21 -2.46
N GLY A 12 2.55 3.92 -3.10
CA GLY A 12 1.50 3.14 -2.48
C GLY A 12 1.88 1.67 -2.53
N LYS A 13 1.18 0.85 -1.76
CA LYS A 13 1.51 -0.57 -1.73
C LYS A 13 0.33 -1.45 -2.09
N VAL A 14 0.64 -2.64 -2.57
CA VAL A 14 -0.33 -3.69 -2.75
C VAL A 14 0.09 -4.90 -1.93
N ASN A 15 -0.88 -5.67 -1.45
CA ASN A 15 -0.63 -6.94 -0.80
C ASN A 15 -0.69 -8.07 -1.83
N LEU A 16 0.46 -8.68 -2.13
CA LEU A 16 0.57 -9.82 -3.03
C LEU A 16 0.11 -11.15 -2.40
N TYR A 17 0.23 -11.23 -1.09
CA TYR A 17 -0.02 -12.47 -0.36
C TYR A 17 -0.48 -12.05 1.03
N LEU A 18 -1.61 -12.58 1.48
CA LEU A 18 -2.13 -12.21 2.78
C LEU A 18 -2.78 -13.39 3.48
N ALA A 19 -2.07 -13.97 4.45
CA ALA A 19 -2.60 -15.09 5.22
C ALA A 19 -3.10 -14.62 6.57
N VAL A 20 -4.30 -15.06 6.94
CA VAL A 20 -4.96 -14.55 8.13
C VAL A 20 -5.22 -15.70 9.08
N GLY A 21 -4.57 -15.66 10.24
CA GLY A 21 -4.74 -16.71 11.24
C GLY A 21 -6.16 -16.74 11.77
N ASP A 22 -6.56 -17.87 12.36
CA ASP A 22 -7.86 -17.97 12.98
C ASP A 22 -7.98 -16.97 14.12
N ARG A 23 -9.20 -16.50 14.39
CA ARG A 23 -9.41 -15.51 15.44
C ARG A 23 -9.06 -16.04 16.84
N ARG A 24 -8.22 -15.29 17.55
CA ARG A 24 -7.92 -15.59 18.95
C ARG A 24 -8.80 -14.74 19.86
N GLU A 25 -8.28 -14.42 21.04
CA GLU A 25 -8.84 -13.35 21.86
C GLU A 25 -7.67 -12.57 22.46
N ASP A 26 -7.76 -11.25 22.56
CA ASP A 26 -8.96 -10.50 22.18
C ASP A 26 -9.16 -10.40 20.67
N GLY A 27 -9.76 -11.44 20.10
CA GLY A 27 -10.21 -11.44 18.72
C GLY A 27 -9.19 -11.00 17.68
N TYR A 28 -7.91 -11.06 18.02
CA TYR A 28 -6.88 -10.66 17.09
C TYR A 28 -6.63 -11.75 16.03
N HIS A 29 -6.29 -11.31 14.81
CA HIS A 29 -5.92 -12.24 13.75
C HIS A 29 -4.45 -12.02 13.41
N GLU A 30 -3.65 -13.06 13.55
CA GLU A 30 -2.25 -12.98 13.16
C GLU A 30 -2.16 -12.92 11.65
N LEU A 31 -1.19 -12.18 11.14
CA LEU A 31 -1.04 -12.03 9.70
C LEU A 31 0.38 -12.38 9.27
N THR A 32 0.49 -12.90 8.05
CA THR A 32 1.74 -12.74 7.33
C THR A 32 1.43 -12.29 5.91
N THR A 33 2.16 -11.30 5.45
CA THR A 33 1.82 -10.67 4.19
C THR A 33 3.06 -10.37 3.42
N VAL A 34 2.93 -10.37 2.09
CA VAL A 34 3.98 -9.88 1.20
C VAL A 34 3.52 -8.51 0.67
N PHE A 35 4.28 -7.46 1.02
CA PHE A 35 4.01 -6.08 0.58
C PHE A 35 4.78 -5.80 -0.70
N HIS A 36 4.20 -4.99 -1.60
CA HIS A 36 4.83 -4.72 -2.90
C HIS A 36 4.55 -3.25 -3.23
N ALA A 37 5.62 -2.45 -3.33
CA ALA A 37 5.48 -1.04 -3.66
C ALA A 37 5.37 -0.82 -5.17
N VAL A 38 4.33 -0.14 -5.61
CA VAL A 38 4.17 0.14 -7.04
C VAL A 38 4.14 1.63 -7.36
N SER A 39 4.26 1.94 -8.65
CA SER A 39 4.54 3.29 -9.12
C SER A 39 3.33 4.22 -9.13
N LEU A 40 2.41 4.06 -8.19
CA LEU A 40 1.42 5.10 -7.89
C LEU A 40 1.97 5.86 -6.69
N VAL A 41 2.23 7.15 -6.85
CA VAL A 41 3.04 7.85 -5.85
C VAL A 41 2.42 9.14 -5.34
N ASP A 42 2.83 9.51 -4.13
CA ASP A 42 2.66 10.86 -3.62
C ASP A 42 4.05 11.50 -3.61
N GLU A 43 4.11 12.81 -3.82
CA GLU A 43 5.33 13.55 -3.60
C GLU A 43 5.06 14.62 -2.56
N VAL A 44 5.86 14.64 -1.50
CA VAL A 44 5.62 15.62 -0.46
C VAL A 44 6.79 16.58 -0.36
N THR A 45 6.48 17.87 -0.40
CA THR A 45 7.49 18.89 -0.36
C THR A 45 7.43 19.57 1.01
N VAL A 46 8.60 19.73 1.62
CA VAL A 46 8.68 20.27 2.96
C VAL A 46 9.67 21.44 3.00
N ARG A 47 9.24 22.51 3.66
CA ARG A 47 10.03 23.72 3.80
C ARG A 47 10.02 24.21 5.23
N ASN A 48 11.11 24.86 5.61
CA ASN A 48 11.15 25.55 6.90
C ASN A 48 10.07 26.63 6.90
N ALA A 49 9.36 26.76 8.03
CA ALA A 49 8.26 27.72 8.15
C ALA A 49 8.14 28.22 9.59
N ASP A 50 7.22 29.15 9.84
CA ASP A 50 7.07 29.73 11.17
C ASP A 50 6.36 28.79 12.13
N VAL A 51 5.57 27.88 11.56
CA VAL A 51 4.68 27.01 12.31
C VAL A 51 4.39 25.78 11.46
N LEU A 52 4.00 24.67 12.09
CA LEU A 52 3.61 23.48 11.36
C LEU A 52 2.36 23.76 10.53
N SER A 53 2.43 23.52 9.22
CA SER A 53 1.22 23.58 8.37
C SER A 53 1.21 22.45 7.35
N LEU A 54 0.01 22.09 6.92
CA LEU A 54 -0.17 20.95 6.02
C LEU A 54 -1.22 21.25 4.94
N GLU A 55 -0.88 20.91 3.69
CA GLU A 55 -1.74 21.18 2.56
C GLU A 55 -1.62 20.01 1.60
N LEU A 56 -2.72 19.63 0.98
CA LEU A 56 -2.72 18.55 0.00
C LEU A 56 -3.38 18.98 -1.32
N VAL A 57 -2.86 18.49 -2.44
CA VAL A 57 -3.54 18.62 -3.74
C VAL A 57 -3.60 17.26 -4.44
N GLY A 58 -4.43 17.17 -5.48
CA GLY A 58 -4.67 15.90 -6.18
C GLY A 58 -6.10 15.45 -6.01
N GLU A 59 -6.53 14.45 -6.77
CA GLU A 59 -7.95 14.09 -6.86
C GLU A 59 -8.77 14.07 -5.55
N GLY A 60 -8.35 13.30 -4.56
CA GLY A 60 -9.14 13.21 -3.34
C GLY A 60 -8.76 14.18 -2.24
N ALA A 61 -7.78 15.04 -2.52
CA ALA A 61 -7.13 15.83 -1.48
C ALA A 61 -8.10 16.64 -0.64
N ASP A 62 -9.11 17.21 -1.30
CA ASP A 62 -10.15 17.99 -0.63
C ASP A 62 -10.62 17.38 0.69
N GLN A 63 -10.71 16.04 0.71
CA GLN A 63 -11.38 15.30 1.77
C GLN A 63 -10.56 15.11 3.04
N LEU A 64 -9.24 15.13 2.88
CA LEU A 64 -8.34 14.76 3.97
C LEU A 64 -8.15 15.91 4.95
N PRO A 65 -8.03 15.58 6.26
CA PRO A 65 -7.80 16.61 7.26
C PRO A 65 -6.38 17.16 7.11
N THR A 66 -6.20 18.43 7.44
CA THR A 66 -4.89 19.05 7.40
C THR A 66 -4.47 19.46 8.80
N ASP A 67 -4.83 18.63 9.78
CA ASP A 67 -4.40 18.86 11.14
C ASP A 67 -3.86 17.56 11.73
N GLU A 68 -3.83 17.49 13.06
CA GLU A 68 -3.24 16.36 13.78
C GLU A 68 -3.80 14.99 13.42
N ARG A 69 -5.01 14.93 12.85
CA ARG A 69 -5.53 13.60 12.57
C ARG A 69 -4.99 13.03 11.26
N ASN A 70 -4.19 13.83 10.57
CA ASN A 70 -3.48 13.38 9.37
C ASN A 70 -2.15 12.77 9.81
N LEU A 71 -1.91 11.50 9.47
CA LEU A 71 -0.63 10.86 9.79
C LEU A 71 0.61 11.64 9.39
N ALA A 72 0.56 12.38 8.28
CA ALA A 72 1.74 13.15 7.87
C ALA A 72 2.05 14.24 8.90
N TRP A 73 0.98 14.78 9.50
CA TRP A 73 1.09 15.82 10.53
C TRP A 73 1.71 15.19 11.77
N GLN A 74 1.18 14.03 12.17
CA GLN A 74 1.74 13.28 13.29
C GLN A 74 3.24 12.97 13.07
N ALA A 75 3.62 12.61 11.84
CA ALA A 75 5.02 12.31 11.51
C ALA A 75 5.96 13.50 11.77
N ALA A 76 5.52 14.68 11.36
CA ALA A 76 6.31 15.89 11.55
C ALA A 76 6.49 16.18 13.03
N GLU A 77 5.45 15.93 13.82
CA GLU A 77 5.55 16.13 15.27
C GLU A 77 6.46 15.08 15.93
N LEU A 78 6.43 13.86 15.42
CA LEU A 78 7.25 12.81 16.01
C LEU A 78 8.71 13.03 15.67
N MET A 79 8.98 13.33 14.41
CA MET A 79 10.34 13.60 13.96
C MET A 79 10.94 14.77 14.77
N ALA A 80 10.23 15.89 14.87
CA ALA A 80 10.66 17.03 15.66
C ALA A 80 10.96 16.67 17.12
N GLU A 81 10.04 15.96 17.75
CA GLU A 81 10.20 15.57 19.14
C GLU A 81 11.41 14.65 19.29
N HIS A 82 11.60 13.77 18.32
CA HIS A 82 12.71 12.84 18.36
C HIS A 82 14.07 13.55 18.51
N VAL A 83 14.17 14.75 17.93
CA VAL A 83 15.42 15.52 18.01
C VAL A 83 15.32 16.80 18.84
N GLY A 84 14.28 16.93 19.67
CA GLY A 84 14.16 18.06 20.57
C GLY A 84 13.86 19.41 19.93
N ARG A 85 13.10 19.41 18.85
CA ARG A 85 12.80 20.61 18.08
C ARG A 85 11.30 20.82 17.96
N ALA A 86 10.89 22.05 17.62
CA ALA A 86 9.52 22.34 17.21
C ALA A 86 9.31 22.01 15.72
N PRO A 87 8.15 21.45 15.39
CA PRO A 87 7.88 21.03 14.00
C PRO A 87 7.54 22.22 13.10
N ASP A 88 8.45 23.20 13.04
CA ASP A 88 8.24 24.45 12.31
C ASP A 88 8.44 24.25 10.83
N VAL A 89 7.49 23.55 10.21
CA VAL A 89 7.68 23.15 8.83
C VAL A 89 6.36 23.19 8.05
N SER A 90 6.41 23.62 6.80
CA SER A 90 5.22 23.60 5.95
C SER A 90 5.29 22.36 5.07
N ILE A 91 4.19 21.62 4.99
CA ILE A 91 4.16 20.37 4.25
C ILE A 91 3.16 20.46 3.08
N MET A 92 3.65 20.20 1.88
CA MET A 92 2.78 20.24 0.71
C MET A 92 2.72 18.83 0.09
N ILE A 93 1.54 18.21 0.07
CA ILE A 93 1.45 16.86 -0.48
C ILE A 93 0.73 16.79 -1.83
N ASP A 94 1.46 16.37 -2.86
CA ASP A 94 0.88 16.16 -4.19
C ASP A 94 0.49 14.68 -4.31
N LYS A 95 -0.80 14.39 -4.14
CA LYS A 95 -1.27 12.99 -4.13
C LYS A 95 -1.64 12.47 -5.50
N SER A 96 -1.06 11.33 -5.87
CA SER A 96 -1.61 10.52 -6.95
C SER A 96 -1.97 9.13 -6.45
N ILE A 97 -1.71 8.83 -5.17
CA ILE A 97 -2.21 7.58 -4.61
C ILE A 97 -3.68 7.79 -4.25
N PRO A 98 -4.60 7.05 -4.90
CA PRO A 98 -6.03 7.38 -4.77
C PRO A 98 -6.49 7.40 -3.32
N VAL A 99 -7.26 8.43 -2.98
CA VAL A 99 -7.71 8.64 -1.59
C VAL A 99 -8.64 7.52 -1.14
N ALA A 100 -8.34 6.96 0.03
CA ALA A 100 -9.09 5.83 0.53
C ALA A 100 -9.00 4.68 -0.45
N GLY A 101 -7.85 4.59 -1.14
CA GLY A 101 -7.64 3.62 -2.20
C GLY A 101 -7.18 2.27 -1.70
N GLY A 102 -6.91 2.16 -0.40
CA GLY A 102 -6.45 0.90 0.16
C GLY A 102 -4.98 0.61 -0.12
N MET A 103 -4.24 1.63 -0.55
CA MET A 103 -2.82 1.44 -0.86
C MET A 103 -1.94 2.12 0.18
N ALA A 104 -2.50 2.39 1.36
CA ALA A 104 -1.76 3.01 2.46
C ALA A 104 -1.16 4.37 2.07
N GLY A 105 -1.92 5.21 1.37
CA GLY A 105 -1.46 6.54 0.97
C GLY A 105 -1.11 7.46 2.13
N GLY A 106 -1.86 7.37 3.23
CA GLY A 106 -1.61 8.21 4.38
C GLY A 106 -0.30 7.80 5.04
N SER A 107 -0.06 6.49 5.12
CA SER A 107 1.19 5.99 5.65
C SER A 107 2.36 6.37 4.76
N ALA A 108 2.15 6.32 3.45
CA ALA A 108 3.17 6.75 2.52
C ALA A 108 3.54 8.23 2.81
N ASP A 109 2.53 9.08 3.01
CA ASP A 109 2.79 10.48 3.30
C ASP A 109 3.62 10.67 4.60
N ALA A 110 3.28 9.93 5.65
CA ALA A 110 4.02 10.03 6.92
C ALA A 110 5.49 9.62 6.72
N ALA A 111 5.71 8.51 6.03
CA ALA A 111 7.07 8.08 5.71
C ALA A 111 7.82 9.18 4.96
N ALA A 112 7.14 9.80 4.00
CA ALA A 112 7.78 10.83 3.19
C ALA A 112 8.16 12.06 4.04
N VAL A 113 7.32 12.40 5.02
CA VAL A 113 7.61 13.52 5.92
C VAL A 113 8.86 13.25 6.76
N LEU A 114 8.95 12.07 7.34
CA LEU A 114 10.15 11.66 8.08
C LEU A 114 11.42 11.86 7.23
N VAL A 115 11.43 11.32 6.01
CA VAL A 115 12.56 11.49 5.11
C VAL A 115 12.85 12.97 4.76
N ALA A 116 11.81 13.71 4.39
CA ALA A 116 11.96 15.10 3.96
C ALA A 116 12.62 15.95 5.03
N MET A 117 12.08 15.87 6.24
CA MET A 117 12.62 16.57 7.39
C MET A 117 14.02 16.08 7.74
N ASN A 118 14.20 14.75 7.77
CA ASN A 118 15.55 14.20 8.00
C ASN A 118 16.58 14.91 7.15
N SER A 119 16.24 15.14 5.88
CA SER A 119 17.13 15.80 4.91
C SER A 119 17.08 17.33 5.01
N LEU A 120 15.88 17.89 5.09
CA LEU A 120 15.76 19.34 5.15
C LEU A 120 16.55 19.89 6.35
N TRP A 121 16.48 19.21 7.49
CA TRP A 121 17.12 19.69 8.71
C TRP A 121 18.56 19.22 8.83
N GLU A 122 19.05 18.55 7.79
CA GLU A 122 20.42 18.04 7.80
C GLU A 122 20.70 17.15 9.02
N LEU A 123 19.68 16.43 9.49
CA LEU A 123 19.86 15.50 10.60
C LEU A 123 20.51 14.21 10.10
N ASN A 124 20.01 13.71 8.97
CA ASN A 124 20.47 12.47 8.38
C ASN A 124 20.63 11.34 9.38
N VAL A 125 19.59 11.11 10.20
CA VAL A 125 19.58 9.93 11.06
C VAL A 125 19.52 8.71 10.14
N PRO A 126 20.06 7.57 10.59
CA PRO A 126 20.09 6.34 9.77
C PRO A 126 18.69 5.92 9.36
N ARG A 127 18.57 5.26 8.23
CA ARG A 127 17.25 4.84 7.80
C ARG A 127 16.60 3.94 8.84
N ARG A 128 17.41 3.22 9.60
CA ARG A 128 16.89 2.32 10.61
C ARG A 128 16.18 3.09 11.74
N ASP A 129 16.66 4.29 12.05
CA ASP A 129 15.97 5.14 13.04
C ASP A 129 14.63 5.65 12.51
N LEU A 130 14.60 5.99 11.22
CA LEU A 130 13.35 6.42 10.58
C LEU A 130 12.31 5.30 10.65
N ARG A 131 12.73 4.07 10.41
CA ARG A 131 11.76 2.99 10.43
C ARG A 131 11.32 2.66 11.84
N MET A 132 12.19 2.92 12.81
CA MET A 132 11.80 2.84 14.21
C MET A 132 10.67 3.85 14.51
N LEU A 133 10.85 5.09 14.07
CA LEU A 133 9.81 6.09 14.26
C LEU A 133 8.55 5.72 13.48
N ALA A 134 8.73 5.15 12.29
CA ALA A 134 7.60 4.76 11.46
C ALA A 134 6.69 3.74 12.17
N ALA A 135 7.30 2.78 12.88
CA ALA A 135 6.52 1.79 13.64
C ALA A 135 5.62 2.45 14.69
N ARG A 136 6.03 3.59 15.22
CA ARG A 136 5.21 4.28 16.22
CA ARG A 136 5.21 4.26 16.23
C ARG A 136 3.99 4.93 15.59
N LEU A 137 4.11 5.32 14.33
CA LEU A 137 3.00 6.00 13.67
C LEU A 137 1.92 5.03 13.18
N GLY A 138 2.32 3.86 12.69
CA GLY A 138 1.36 2.93 12.12
C GLY A 138 2.00 1.76 11.43
N SER A 139 1.26 0.67 11.30
CA SER A 139 1.87 -0.58 10.86
C SER A 139 2.29 -0.59 9.38
N ASP A 140 1.76 0.34 8.60
CA ASP A 140 2.09 0.41 7.17
C ASP A 140 3.20 1.42 6.85
N VAL A 141 3.56 2.24 7.83
CA VAL A 141 4.53 3.28 7.59
C VAL A 141 5.94 2.73 7.34
N PRO A 142 6.35 1.71 8.10
CA PRO A 142 7.70 1.19 7.83
C PRO A 142 7.84 0.67 6.40
N PHE A 143 6.82 0.00 5.86
CA PHE A 143 6.96 -0.45 4.48
C PHE A 143 7.08 0.71 3.45
N ALA A 144 6.39 1.82 3.71
CA ALA A 144 6.46 2.95 2.80
C ALA A 144 7.88 3.54 2.79
N LEU A 145 8.59 3.43 3.92
CA LEU A 145 10.01 3.71 3.95
C LEU A 145 10.82 2.65 3.13
N HIS A 146 10.56 1.37 3.41
CA HIS A 146 11.34 0.27 2.85
C HIS A 146 11.15 0.14 1.33
N GLY A 147 9.91 0.21 0.87
CA GLY A 147 9.63 0.06 -0.55
C GLY A 147 10.01 -1.32 -1.07
N GLY A 148 10.30 -1.40 -2.37
CA GLY A 148 10.60 -2.67 -3.01
C GLY A 148 9.48 -3.67 -2.77
N THR A 149 9.85 -4.85 -2.29
CA THR A 149 8.90 -5.89 -1.91
C THR A 149 9.44 -6.40 -0.59
N ALA A 150 8.55 -6.76 0.35
CA ALA A 150 9.01 -7.27 1.62
C ALA A 150 8.06 -8.31 2.21
N LEU A 151 8.62 -9.27 2.95
CA LEU A 151 7.80 -10.21 3.69
C LEU A 151 7.64 -9.73 5.13
N GLY A 152 6.40 -9.61 5.59
CA GLY A 152 6.11 -9.23 6.95
C GLY A 152 5.43 -10.37 7.66
N THR A 153 6.14 -10.97 8.60
CA THR A 153 5.71 -12.24 9.15
C THR A 153 4.90 -12.10 10.45
N GLY A 154 4.66 -10.86 10.85
CA GLY A 154 3.88 -10.59 12.05
C GLY A 154 4.01 -9.18 12.60
N ARG A 155 3.19 -8.88 13.60
CA ARG A 155 2.94 -7.52 14.09
C ARG A 155 4.17 -6.67 14.37
N GLY A 156 5.08 -7.17 15.20
CA GLY A 156 6.22 -6.38 15.60
C GLY A 156 7.48 -6.73 14.84
N GLU A 157 7.36 -7.64 13.88
CA GLU A 157 8.52 -8.15 13.16
C GLU A 157 9.13 -7.13 12.21
N GLU A 158 10.44 -7.25 12.03
CA GLU A 158 11.13 -6.46 11.02
C GLU A 158 10.77 -6.97 9.61
N LEU A 159 10.73 -6.06 8.64
CA LEU A 159 10.49 -6.41 7.25
C LEU A 159 11.67 -7.15 6.63
N ALA A 160 11.39 -8.22 5.90
CA ALA A 160 12.42 -8.94 5.18
C ALA A 160 12.44 -8.53 3.72
N THR A 161 13.57 -8.01 3.27
CA THR A 161 13.73 -7.50 1.90
C THR A 161 13.69 -8.58 0.85
N VAL A 162 12.86 -8.36 -0.18
CA VAL A 162 12.78 -9.28 -1.31
C VAL A 162 13.17 -8.52 -2.58
N LEU A 163 14.29 -8.88 -3.18
CA LEU A 163 14.75 -8.25 -4.42
C LEU A 163 14.26 -9.02 -5.64
N SER A 164 13.92 -8.30 -6.71
CA SER A 164 13.39 -8.93 -7.94
C SER A 164 14.36 -8.82 -9.10
N ARG A 165 14.44 -9.87 -9.92
CA ARG A 165 15.24 -9.83 -11.14
C ARG A 165 14.66 -8.85 -12.18
N ASN A 166 13.33 -8.84 -12.30
CA ASN A 166 12.62 -8.05 -13.30
C ASN A 166 11.58 -7.11 -12.69
N THR A 167 11.16 -6.13 -13.47
CA THR A 167 9.98 -5.33 -13.21
C THR A 167 8.71 -6.14 -13.43
N PHE A 168 7.68 -5.95 -12.59
CA PHE A 168 6.34 -6.48 -12.86
C PHE A 168 5.35 -5.39 -13.26
N HIS A 169 4.31 -5.77 -14.00
CA HIS A 169 3.34 -4.80 -14.52
C HIS A 169 1.95 -5.06 -14.00
N TRP A 170 1.33 -3.98 -13.54
CA TRP A 170 0.09 -4.06 -12.80
C TRP A 170 -1.00 -3.19 -13.40
N VAL A 171 -2.24 -3.64 -13.27
CA VAL A 171 -3.38 -2.73 -13.38
C VAL A 171 -4.01 -2.67 -12.01
N LEU A 172 -4.24 -1.45 -11.51
CA LEU A 172 -4.91 -1.25 -10.22
C LEU A 172 -6.26 -0.62 -10.49
N ALA A 173 -7.31 -1.18 -9.89
CA ALA A 173 -8.66 -0.66 -10.08
C ALA A 173 -9.36 -0.41 -8.74
N PHE A 174 -10.04 0.73 -8.67
CA PHE A 174 -10.55 1.25 -7.41
C PHE A 174 -12.06 1.41 -7.50
N ALA A 175 -12.74 1.15 -6.38
CA ALA A 175 -14.19 1.31 -6.30
C ALA A 175 -14.54 2.70 -5.80
N ASP A 176 -15.82 3.05 -5.84
CA ASP A 176 -16.28 4.37 -5.40
C ASP A 176 -16.52 4.45 -3.89
N SER A 177 -16.50 3.31 -3.23
CA SER A 177 -16.67 3.25 -1.79
C SER A 177 -15.76 2.16 -1.27
N GLY A 178 -15.35 2.29 -0.03
CA GLY A 178 -14.48 1.29 0.59
C GLY A 178 -15.24 0.14 1.19
N LEU A 179 -14.49 -0.74 1.86
CA LEU A 179 -15.08 -1.83 2.63
C LEU A 179 -14.38 -1.84 3.96
N LEU A 180 -15.12 -1.65 5.04
CA LEU A 180 -14.52 -1.60 6.37
C LEU A 180 -13.72 -2.88 6.67
N THR A 181 -12.48 -2.74 7.12
CA THR A 181 -11.68 -3.91 7.47
C THR A 181 -12.39 -4.72 8.57
N SER A 182 -12.92 -4.00 9.56
CA SER A 182 -13.69 -4.64 10.62
C SER A 182 -14.78 -5.56 10.07
N ALA A 183 -15.57 -5.05 9.13
CA ALA A 183 -16.68 -5.83 8.57
C ALA A 183 -16.15 -7.02 7.76
N VAL A 184 -14.99 -6.86 7.14
CA VAL A 184 -14.43 -7.94 6.34
C VAL A 184 -13.90 -9.07 7.24
N TYR A 185 -13.21 -8.71 8.31
CA TYR A 185 -12.78 -9.69 9.31
C TYR A 185 -13.95 -10.48 9.89
N ASN A 186 -15.05 -9.79 10.19
CA ASN A 186 -16.22 -10.44 10.74
C ASN A 186 -16.78 -11.48 9.79
N GLU A 187 -16.82 -11.12 8.52
CA GLU A 187 -17.34 -12.01 7.50
C GLU A 187 -16.41 -13.21 7.27
N LEU A 188 -15.11 -12.97 7.37
CA LEU A 188 -14.15 -14.05 7.18
C LEU A 188 -14.32 -15.07 8.33
N ASP A 189 -14.43 -14.57 9.55
CA ASP A 189 -14.71 -15.44 10.71
C ASP A 189 -15.96 -16.25 10.47
N ARG A 190 -17.00 -15.56 10.01
CA ARG A 190 -18.27 -16.21 9.80
C ARG A 190 -18.12 -17.29 8.72
N LEU A 191 -17.41 -16.96 7.64
CA LEU A 191 -17.24 -17.90 6.54
C LEU A 191 -16.47 -19.14 6.98
N ARG A 192 -15.56 -18.96 7.94
CA ARG A 192 -14.77 -20.06 8.49
C ARG A 192 -15.58 -20.94 9.44
N GLU A 193 -16.62 -20.36 10.04
CA GLU A 193 -17.51 -21.10 10.92
C GLU A 193 -18.50 -21.95 10.13
N VAL A 194 -19.19 -21.33 9.18
CA VAL A 194 -20.20 -22.05 8.40
C VAL A 194 -19.60 -22.93 7.31
N GLY A 195 -18.32 -22.75 7.00
CA GLY A 195 -17.71 -23.47 5.91
C GLY A 195 -16.19 -23.58 5.96
N ASP A 196 -15.59 -23.68 4.78
CA ASP A 196 -14.14 -23.82 4.69
C ASP A 196 -13.61 -23.03 3.50
N PRO A 197 -13.52 -21.69 3.64
CA PRO A 197 -13.02 -20.83 2.57
C PRO A 197 -11.55 -21.14 2.22
N PRO A 198 -11.10 -20.75 1.01
CA PRO A 198 -9.78 -21.10 0.47
C PRO A 198 -8.65 -20.62 1.37
N ARG A 199 -7.71 -21.52 1.68
CA ARG A 199 -6.56 -21.16 2.50
C ARG A 199 -5.35 -21.08 1.54
N LEU A 200 -4.47 -20.09 1.74
CA LEU A 200 -3.33 -19.93 0.83
C LEU A 200 -2.22 -20.97 1.05
N GLY A 201 -1.35 -21.13 0.06
CA GLY A 201 -0.10 -21.86 0.24
C GLY A 201 0.89 -21.08 1.10
N GLU A 202 2.16 -21.46 1.01
CA GLU A 202 3.22 -20.84 1.82
C GLU A 202 3.79 -19.62 1.15
N PRO A 203 4.33 -18.67 1.95
CA PRO A 203 4.97 -17.46 1.46
C PRO A 203 6.18 -17.74 0.58
N GLY A 204 6.92 -18.81 0.85
CA GLY A 204 8.20 -19.03 0.18
C GLY A 204 8.15 -19.08 -1.34
N PRO A 205 7.23 -19.87 -1.89
CA PRO A 205 7.12 -19.90 -3.36
C PRO A 205 6.76 -18.53 -3.96
N VAL A 206 6.04 -17.70 -3.23
CA VAL A 206 5.73 -16.34 -3.70
C VAL A 206 7.00 -15.51 -3.83
N LEU A 207 7.82 -15.51 -2.77
CA LEU A 207 9.10 -14.80 -2.80
C LEU A 207 10.00 -15.30 -3.93
N ALA A 208 9.99 -16.61 -4.16
CA ALA A 208 10.79 -17.23 -5.21
C ALA A 208 10.34 -16.77 -6.60
N ALA A 209 9.04 -16.62 -6.81
CA ALA A 209 8.55 -16.10 -8.10
C ALA A 209 8.90 -14.62 -8.27
N LEU A 210 8.74 -13.83 -7.21
CA LEU A 210 9.15 -12.44 -7.22
C LEU A 210 10.62 -12.32 -7.54
N ALA A 211 11.42 -13.14 -6.87
CA ALA A 211 12.88 -13.13 -7.04
C ALA A 211 13.29 -13.51 -8.47
N ALA A 212 12.57 -14.45 -9.08
CA ALA A 212 12.83 -14.83 -10.48
C ALA A 212 12.38 -13.77 -11.51
N GLY A 213 11.61 -12.77 -11.08
CA GLY A 213 11.09 -11.76 -12.00
C GLY A 213 10.24 -12.39 -13.09
N ASP A 214 9.41 -13.35 -12.70
CA ASP A 214 8.66 -14.20 -13.63
C ASP A 214 7.15 -14.07 -13.34
N PRO A 215 6.42 -13.26 -14.14
CA PRO A 215 4.99 -13.05 -13.89
C PRO A 215 4.13 -14.32 -14.06
N ASP A 216 4.47 -15.19 -15.00
CA ASP A 216 3.73 -16.43 -15.17
C ASP A 216 3.83 -17.32 -13.93
N GLN A 217 5.00 -17.32 -13.30
CA GLN A 217 5.23 -18.10 -12.09
C GLN A 217 4.52 -17.47 -10.88
N LEU A 218 4.48 -16.14 -10.85
CA LEU A 218 3.93 -15.42 -9.71
C LEU A 218 2.40 -15.41 -9.70
N ALA A 219 1.80 -15.31 -10.89
CA ALA A 219 0.37 -15.07 -11.01
C ALA A 219 -0.51 -16.06 -10.23
N PRO A 220 -0.25 -17.37 -10.37
CA PRO A 220 -1.10 -18.32 -9.62
C PRO A 220 -0.86 -18.30 -8.12
N LEU A 221 0.22 -17.66 -7.67
CA LEU A 221 0.53 -17.66 -6.24
C LEU A 221 -0.04 -16.45 -5.53
N LEU A 222 -0.39 -15.41 -6.28
CA LEU A 222 -0.99 -14.22 -5.67
C LEU A 222 -2.24 -14.67 -4.94
N GLY A 223 -2.47 -14.11 -3.76
CA GLY A 223 -3.64 -14.50 -3.00
C GLY A 223 -3.89 -13.66 -1.77
N ASN A 224 -5.15 -13.65 -1.33
CA ASN A 224 -5.59 -12.88 -0.18
C ASN A 224 -6.70 -13.65 0.56
N GLU A 225 -6.45 -14.05 1.80
CA GLU A 225 -7.45 -14.82 2.53
C GLU A 225 -8.68 -13.99 2.90
N MET A 226 -8.57 -12.67 2.82
CA MET A 226 -9.72 -11.80 3.05
C MET A 226 -10.61 -11.64 1.81
N GLN A 227 -10.08 -11.98 0.65
CA GLN A 227 -10.82 -11.81 -0.58
C GLN A 227 -12.19 -12.50 -0.56
N ALA A 228 -12.22 -13.75 -0.10
CA ALA A 228 -13.47 -14.49 -0.05
C ALA A 228 -14.52 -13.72 0.76
N ALA A 229 -14.09 -13.09 1.87
CA ALA A 229 -14.99 -12.32 2.72
C ALA A 229 -15.48 -11.03 2.06
N ALA A 230 -14.55 -10.29 1.45
CA ALA A 230 -14.92 -9.09 0.69
C ALA A 230 -15.91 -9.43 -0.43
N VAL A 231 -15.64 -10.52 -1.14
CA VAL A 231 -16.48 -10.93 -2.28
C VAL A 231 -17.87 -11.35 -1.79
N SER A 232 -17.90 -12.04 -0.66
CA SER A 232 -19.13 -12.37 0.04
C SER A 232 -19.96 -11.10 0.33
N LEU A 233 -19.31 -10.06 0.81
CA LEU A 233 -20.02 -8.80 1.11
C LEU A 233 -20.46 -8.07 -0.17
N ASP A 234 -19.64 -8.12 -1.22
CA ASP A 234 -20.02 -7.56 -2.52
C ASP A 234 -19.62 -8.48 -3.66
N PRO A 235 -20.58 -9.27 -4.16
CA PRO A 235 -20.35 -10.19 -5.27
C PRO A 235 -19.85 -9.49 -6.54
N ALA A 236 -19.98 -8.17 -6.61
CA ALA A 236 -19.49 -7.44 -7.78
C ALA A 236 -17.95 -7.50 -7.88
N LEU A 237 -17.27 -7.58 -6.74
CA LEU A 237 -15.81 -7.73 -6.77
C LEU A 237 -15.41 -8.92 -7.64
N ALA A 238 -16.15 -10.02 -7.49
CA ALA A 238 -15.86 -11.23 -8.24
C ALA A 238 -15.99 -11.03 -9.76
N ARG A 239 -16.98 -10.26 -10.18
CA ARG A 239 -17.14 -9.93 -11.62
C ARG A 239 -16.04 -9.03 -12.14
N ALA A 240 -15.67 -8.03 -11.35
CA ALA A 240 -14.54 -7.16 -11.71
C ALA A 240 -13.27 -7.99 -11.90
N LEU A 241 -13.01 -8.91 -10.97
CA LEU A 241 -11.81 -9.74 -11.07
C LEU A 241 -11.83 -10.58 -12.33
N ARG A 242 -12.99 -11.15 -12.67
CA ARG A 242 -13.10 -11.94 -13.90
C ARG A 242 -12.93 -11.06 -15.14
N ALA A 243 -13.54 -9.88 -15.12
CA ALA A 243 -13.37 -8.93 -16.23
C ALA A 243 -11.90 -8.61 -16.53
N GLY A 244 -11.10 -8.40 -15.49
CA GLY A 244 -9.70 -8.09 -15.71
C GLY A 244 -8.94 -9.24 -16.33
N VAL A 245 -9.22 -10.46 -15.86
CA VAL A 245 -8.55 -11.64 -16.38
C VAL A 245 -8.99 -11.92 -17.81
N GLU A 246 -10.29 -11.77 -18.08
CA GLU A 246 -10.81 -11.94 -19.45
C GLU A 246 -10.21 -10.90 -20.39
N ALA A 247 -10.02 -9.68 -19.89
CA ALA A 247 -9.31 -8.66 -20.65
C ALA A 247 -7.84 -8.99 -20.94
N GLY A 248 -7.29 -10.01 -20.29
CA GLY A 248 -5.91 -10.40 -20.57
C GLY A 248 -4.95 -10.47 -19.39
N ALA A 249 -5.36 -10.00 -18.23
CA ALA A 249 -4.48 -10.10 -17.06
C ALA A 249 -4.21 -11.57 -16.71
N LEU A 250 -3.00 -11.85 -16.25
CA LEU A 250 -2.60 -13.18 -15.79
C LEU A 250 -3.42 -13.62 -14.59
N ALA A 251 -3.64 -12.70 -13.66
CA ALA A 251 -4.44 -12.99 -12.47
C ALA A 251 -4.92 -11.68 -11.86
N GLY A 252 -5.94 -11.75 -11.03
CA GLY A 252 -6.40 -10.59 -10.30
C GLY A 252 -6.76 -10.96 -8.87
N ILE A 253 -6.47 -10.11 -7.91
CA ILE A 253 -6.91 -10.33 -6.54
C ILE A 253 -7.39 -9.01 -5.96
N VAL A 254 -8.18 -9.06 -4.89
CA VAL A 254 -8.35 -7.84 -4.12
C VAL A 254 -7.14 -7.69 -3.19
N SER A 255 -6.70 -6.46 -3.01
CA SER A 255 -5.58 -6.18 -2.11
C SER A 255 -6.10 -5.65 -0.78
N GLY A 256 -5.70 -6.28 0.31
CA GLY A 256 -6.17 -5.88 1.63
C GLY A 256 -7.59 -6.35 1.91
N SER A 257 -8.34 -5.52 2.63
CA SER A 257 -9.72 -5.80 2.95
C SER A 257 -10.61 -5.43 1.78
N GLY A 258 -10.05 -4.74 0.80
CA GLY A 258 -10.77 -4.37 -0.40
C GLY A 258 -11.48 -3.03 -0.19
N PRO A 259 -12.16 -2.54 -1.24
CA PRO A 259 -12.39 -3.32 -2.47
C PRO A 259 -11.36 -3.16 -3.60
N THR A 260 -10.18 -2.60 -3.34
CA THR A 260 -9.20 -2.40 -4.43
C THR A 260 -8.69 -3.71 -5.07
N CYS A 261 -8.71 -3.76 -6.40
CA CYS A 261 -8.23 -4.91 -7.16
C CYS A 261 -6.88 -4.63 -7.82
N ALA A 262 -6.01 -5.63 -7.76
CA ALA A 262 -4.72 -5.57 -8.42
C ALA A 262 -4.61 -6.69 -9.47
N PHE A 263 -4.24 -6.31 -10.69
CA PHE A 263 -4.16 -7.27 -11.79
C PHE A 263 -2.73 -7.38 -12.27
N LEU A 264 -2.16 -8.58 -12.16
CA LEU A 264 -0.83 -8.82 -12.69
C LEU A 264 -0.91 -9.08 -14.20
N CYS A 265 -0.09 -8.38 -14.97
CA CYS A 265 -0.05 -8.56 -16.42
C CYS A 265 1.35 -8.97 -16.87
N THR A 266 1.50 -9.32 -18.14
CA THR A 266 2.75 -9.86 -18.67
C THR A 266 3.76 -8.78 -19.05
N SER A 267 3.27 -7.57 -19.31
CA SER A 267 4.13 -6.50 -19.81
C SER A 267 3.41 -5.17 -19.70
N ALA A 268 4.14 -4.09 -19.96
CA ALA A 268 3.57 -2.76 -19.90
C ALA A 268 2.48 -2.63 -20.97
N SER A 269 2.75 -3.25 -22.11
CA SER A 269 1.81 -3.28 -23.24
C SER A 269 0.49 -3.94 -22.86
N SER A 270 0.58 -5.13 -22.26
CA SER A 270 -0.61 -5.82 -21.82
C SER A 270 -1.36 -5.03 -20.74
N ALA A 271 -0.61 -4.41 -19.82
CA ALA A 271 -1.22 -3.66 -18.74
C ALA A 271 -2.08 -2.51 -19.26
N ILE A 272 -1.54 -1.76 -20.22
CA ILE A 272 -2.27 -0.70 -20.87
C ILE A 272 -3.56 -1.25 -21.52
N ASP A 273 -3.42 -2.35 -22.24
CA ASP A 273 -4.56 -2.94 -22.93
C ASP A 273 -5.62 -3.42 -21.95
N VAL A 274 -5.20 -4.09 -20.87
CA VAL A 274 -6.14 -4.51 -19.83
C VAL A 274 -6.79 -3.31 -19.13
N GLY A 275 -5.98 -2.33 -18.75
CA GLY A 275 -6.46 -1.12 -18.11
C GLY A 275 -7.48 -0.36 -18.95
N ALA A 276 -7.22 -0.24 -20.25
CA ALA A 276 -8.14 0.44 -21.17
C ALA A 276 -9.47 -0.29 -21.28
N GLN A 277 -9.41 -1.61 -21.44
CA GLN A 277 -10.62 -2.42 -21.41
C GLN A 277 -11.41 -2.28 -20.10
N LEU A 278 -10.74 -2.34 -18.96
CA LEU A 278 -11.48 -2.25 -17.69
C LEU A 278 -12.09 -0.88 -17.52
N SER A 279 -11.31 0.13 -17.90
CA SER A 279 -11.73 1.51 -17.80
C SER A 279 -12.99 1.72 -18.63
N GLY A 280 -12.97 1.20 -19.86
CA GLY A 280 -14.10 1.32 -20.76
C GLY A 280 -15.34 0.64 -20.21
N ALA A 281 -15.16 -0.54 -19.65
CA ALA A 281 -16.25 -1.37 -19.12
C ALA A 281 -16.97 -0.75 -17.93
N GLY A 282 -16.38 0.29 -17.34
CA GLY A 282 -16.96 0.94 -16.18
C GLY A 282 -17.36 0.04 -15.01
N VAL A 283 -16.55 -0.97 -14.70
CA VAL A 283 -16.84 -1.79 -13.51
C VAL A 283 -16.19 -1.17 -12.26
N CYS A 284 -15.34 -0.17 -12.46
CA CYS A 284 -14.64 0.49 -11.37
C CYS A 284 -14.72 1.99 -11.52
N ARG A 285 -14.48 2.70 -10.43
CA ARG A 285 -14.42 4.16 -10.46
C ARG A 285 -13.19 4.67 -11.22
N THR A 286 -12.02 4.08 -10.93
CA THR A 286 -10.75 4.55 -11.47
C THR A 286 -9.86 3.37 -11.82
N VAL A 287 -9.16 3.45 -12.95
CA VAL A 287 -8.20 2.44 -13.32
C VAL A 287 -6.83 3.07 -13.61
N ARG A 288 -5.75 2.47 -13.10
CA ARG A 288 -4.40 2.98 -13.41
C ARG A 288 -3.45 1.85 -13.74
N VAL A 289 -2.47 2.11 -14.58
CA VAL A 289 -1.42 1.10 -14.75
C VAL A 289 -0.28 1.50 -13.80
N ALA A 290 0.59 0.54 -13.48
CA ALA A 290 1.72 0.80 -12.60
C ALA A 290 2.76 -0.32 -12.76
N THR A 291 3.95 -0.11 -12.19
CA THR A 291 4.96 -1.16 -12.14
C THR A 291 5.49 -1.29 -10.73
N GLY A 292 6.03 -2.45 -10.41
CA GLY A 292 6.77 -2.66 -9.17
C GLY A 292 7.82 -3.72 -9.44
N PRO A 293 8.80 -3.87 -8.52
CA PRO A 293 8.89 -3.02 -7.32
C PRO A 293 9.47 -1.64 -7.65
N VAL A 294 9.13 -0.66 -6.83
CA VAL A 294 9.77 0.66 -6.92
C VAL A 294 10.33 1.00 -5.55
N PRO A 295 11.35 1.88 -5.48
CA PRO A 295 11.93 2.25 -4.19
C PRO A 295 10.91 2.89 -3.21
N GLY A 296 11.25 2.87 -1.93
CA GLY A 296 10.45 3.53 -0.89
C GLY A 296 10.73 5.02 -0.85
N ALA A 297 10.28 5.66 0.22
CA ALA A 297 10.38 7.12 0.34
C ALA A 297 11.83 7.60 0.11
N ARG A 298 12.00 8.50 -0.86
CA ARG A 298 13.35 9.01 -1.13
C ARG A 298 13.30 10.46 -1.61
N VAL A 299 14.34 11.21 -1.27
CA VAL A 299 14.46 12.57 -1.76
C VAL A 299 14.57 12.56 -3.29
N VAL A 300 13.80 13.38 -3.98
CA VAL A 300 13.94 13.49 -5.43
C VAL A 300 14.29 14.92 -5.87
N SER A 301 14.12 15.86 -4.96
CA SER A 301 14.52 17.25 -5.19
C SER A 301 15.03 17.93 -3.91
N ALA A 302 16.18 18.60 -3.99
CA ALA A 302 16.71 19.33 -2.85
C ALA A 302 17.40 20.62 -3.28
#